data_4UWI
#
_entry.id   4UWI
#
_cell.length_a   50.789
_cell.length_b   56.897
_cell.length_c   141.607
_cell.angle_alpha   90.00
_cell.angle_beta   90.00
_cell.angle_gamma   90.00
#
_symmetry.space_group_name_H-M   'P 21 21 21'
#
loop_
_entity.id
_entity.type
_entity.pdbx_description
1 polymer 'GLYCYLPEPTIDE N-TETRADECANOYLTRANSFERASE'
2 non-polymer 2,6-dichloro-4-[3-(4-methylpiperazin-1-yl)propyl]-N-(1,3,5-trimethyl-1H-pyrazol-4-yl)benzenesulfonamide
3 non-polymer TETRADECANOYL-COA
4 water water
#
_entity_poly.entity_id   1
_entity_poly.type   'polypeptide(L)'
_entity_poly.pdbx_seq_one_letter_code
;QTQPVPRFDETSTDTGGPIKIIDPEKVSKEPDALLEGFEWATLDLTNETELQELWDLLTYHYVEDDNAMFRFRYSQSFLH
WALMSPGWKKEWHVGVRATKSRKLVASICGVPTEINVRNQKLKVVEINFLCIHKKLRSKRLTPVLIKEITRRCYLNGIYQ
AIYTAGVVLPTPVSSCRYYHRPLDWLKLYEVGFSPLPAGSTKARQITKNHLPSTTSTPGLRPMEPKDIDTVHDLLQRYLS
RFALNQAFTREEVDHWLVHKPETVKEQVVWAYVVEDPETHKITDFFSFYNLESTVIQNPKHDNVRAAYLYYYATETAFTN
NMKALKERLLMLMNDALILAKKAHFDVFNALTLHDNPLFLEQLKFGAGDGQLHFYLYNYRTAPVPGGVNEKNLPDEKRMG
GVGIVML
;
_entity_poly.pdbx_strand_id   A
#
# COMPACT_ATOMS: atom_id res chain seq x y z
N GLY A 16 -7.30 8.23 22.69
CA GLY A 16 -8.62 7.66 22.21
C GLY A 16 -8.83 6.31 22.85
N GLY A 17 -9.56 5.44 22.17
CA GLY A 17 -9.77 4.11 22.65
C GLY A 17 -10.93 3.51 21.85
N PRO A 18 -11.30 2.28 22.18
CA PRO A 18 -12.38 1.55 21.53
C PRO A 18 -13.71 2.25 21.68
N ILE A 19 -14.55 2.14 20.68
CA ILE A 19 -15.85 2.72 20.71
C ILE A 19 -16.88 1.86 21.47
N LYS A 20 -16.87 0.57 21.21
CA LYS A 20 -17.76 -0.43 21.86
C LYS A 20 -16.97 -1.71 22.21
N ILE A 21 -17.40 -2.38 23.29
CA ILE A 21 -16.92 -3.66 23.65
C ILE A 21 -17.80 -4.72 23.04
N ILE A 22 -17.22 -5.75 22.44
CA ILE A 22 -18.04 -6.77 21.87
C ILE A 22 -18.25 -7.89 22.84
N ASP A 23 -19.49 -8.32 22.95
CA ASP A 23 -19.86 -9.47 23.79
C ASP A 23 -19.59 -10.79 23.03
N PRO A 24 -18.57 -11.57 23.43
CA PRO A 24 -18.23 -12.82 22.74
C PRO A 24 -19.43 -13.74 22.73
N GLU A 25 -20.12 -13.85 23.86
CA GLU A 25 -21.38 -14.61 23.94
C GLU A 25 -22.37 -14.31 22.82
N LYS A 26 -22.46 -13.06 22.38
CA LYS A 26 -23.46 -12.65 21.38
C LYS A 26 -23.04 -12.71 19.91
N VAL A 27 -21.78 -12.98 19.62
CA VAL A 27 -21.38 -13.08 18.18
C VAL A 27 -22.02 -14.31 17.53
N SER A 28 -22.72 -14.09 16.45
CA SER A 28 -23.41 -15.15 15.79
C SER A 28 -22.41 -16.19 15.24
N LYS A 29 -22.78 -17.45 15.36
CA LYS A 29 -21.99 -18.48 14.81
C LYS A 29 -22.36 -18.73 13.38
N GLU A 30 -23.44 -18.13 12.88
CA GLU A 30 -23.87 -18.28 11.47
C GLU A 30 -23.75 -16.93 10.78
N PRO A 31 -23.37 -16.92 9.49
CA PRO A 31 -23.46 -15.64 8.77
C PRO A 31 -24.90 -15.18 8.44
N ASP A 32 -25.07 -13.89 8.16
CA ASP A 32 -26.33 -13.35 7.67
C ASP A 32 -26.67 -13.84 6.32
N ALA A 33 -27.95 -13.66 5.99
CA ALA A 33 -28.46 -13.87 4.64
C ALA A 33 -27.74 -13.03 3.57
N LEU A 34 -27.65 -13.62 2.39
CA LEU A 34 -27.15 -12.89 1.22
C LEU A 34 -28.28 -12.78 0.21
N LEU A 35 -28.14 -11.82 -0.71
CA LEU A 35 -28.91 -11.83 -1.95
C LEU A 35 -29.16 -13.21 -2.46
N GLU A 36 -30.41 -13.42 -2.88
CA GLU A 36 -30.85 -14.67 -3.45
C GLU A 36 -29.99 -15.10 -4.62
N GLY A 37 -29.61 -16.37 -4.60
CA GLY A 37 -28.81 -17.03 -5.67
C GLY A 37 -27.31 -16.89 -5.35
N PHE A 38 -26.97 -16.37 -4.15
CA PHE A 38 -25.53 -16.24 -3.79
C PHE A 38 -25.23 -16.82 -2.42
N GLU A 39 -24.01 -17.32 -2.23
CA GLU A 39 -23.67 -17.83 -0.90
C GLU A 39 -22.27 -17.48 -0.45
N TRP A 40 -22.05 -17.53 0.86
CA TRP A 40 -20.74 -17.27 1.39
C TRP A 40 -19.75 -18.36 1.03
N ALA A 41 -18.50 -18.01 0.77
CA ALA A 41 -17.43 -19.03 0.54
C ALA A 41 -16.11 -18.56 1.09
N THR A 42 -15.56 -19.27 2.06
CA THR A 42 -14.18 -19.08 2.45
C THR A 42 -13.23 -19.44 1.30
N LEU A 43 -12.35 -18.50 0.97
CA LEU A 43 -11.34 -18.78 -0.05
C LEU A 43 -10.14 -19.47 0.60
N ASP A 44 -9.57 -20.41 -0.10
CA ASP A 44 -8.29 -20.96 0.33
C ASP A 44 -7.28 -20.62 -0.77
N LEU A 45 -6.48 -19.58 -0.48
CA LEU A 45 -5.60 -19.01 -1.50
C LEU A 45 -4.28 -19.83 -1.60
N THR A 46 -4.18 -20.93 -0.83
CA THR A 46 -3.09 -21.90 -1.08
C THR A 46 -3.53 -22.85 -2.19
N ASN A 47 -4.80 -22.84 -2.54
CA ASN A 47 -5.25 -23.61 -3.71
C ASN A 47 -4.97 -22.73 -4.95
N GLU A 48 -4.13 -23.20 -5.88
CA GLU A 48 -3.83 -22.42 -7.07
C GLU A 48 -5.12 -21.97 -7.78
N THR A 49 -6.07 -22.88 -7.89
CA THR A 49 -7.26 -22.60 -8.67
C THR A 49 -8.12 -21.50 -7.97
N GLU A 50 -8.07 -21.46 -6.64
CA GLU A 50 -8.80 -20.41 -5.89
C GLU A 50 -8.11 -19.02 -5.96
N LEU A 51 -6.78 -19.01 -5.83
CA LEU A 51 -6.04 -17.79 -6.09
C LEU A 51 -6.34 -17.26 -7.49
N GLN A 52 -6.45 -18.13 -8.49
CA GLN A 52 -6.79 -17.73 -9.83
C GLN A 52 -8.19 -17.11 -9.96
N GLU A 53 -9.15 -17.67 -9.23
CA GLU A 53 -10.48 -17.13 -9.25
C GLU A 53 -10.44 -15.72 -8.65
N LEU A 54 -9.73 -15.52 -7.56
CA LEU A 54 -9.65 -14.15 -6.99
C LEU A 54 -9.04 -13.21 -8.03
N TRP A 55 -7.95 -13.66 -8.70
CA TRP A 55 -7.25 -12.83 -9.65
C TRP A 55 -8.19 -12.51 -10.82
N ASP A 56 -9.00 -13.47 -11.26
CA ASP A 56 -9.90 -13.22 -12.36
C ASP A 56 -10.88 -12.11 -11.96
N LEU A 57 -11.36 -12.18 -10.70
CA LEU A 57 -12.36 -11.20 -10.22
C LEU A 57 -11.68 -9.80 -10.15
N LEU A 58 -10.57 -9.68 -9.43
CA LEU A 58 -9.91 -8.35 -9.24
C LEU A 58 -9.46 -7.76 -10.60
N THR A 59 -8.96 -8.62 -11.48
CA THR A 59 -8.41 -8.12 -12.77
C THR A 59 -9.48 -7.39 -13.58
N TYR A 60 -10.72 -7.88 -13.53
CA TYR A 60 -11.82 -7.21 -14.28
C TYR A 60 -12.78 -6.29 -13.49
N HIS A 61 -12.69 -6.32 -12.14
CA HIS A 61 -13.65 -5.55 -11.30
C HIS A 61 -13.08 -4.76 -10.17
N TYR A 62 -11.76 -4.68 -10.10
CA TYR A 62 -11.18 -4.01 -8.93
C TYR A 62 -10.97 -2.51 -9.24
N VAL A 63 -10.13 -1.81 -8.49
CA VAL A 63 -10.12 -0.33 -8.52
C VAL A 63 -9.73 0.25 -9.90
N GLU A 64 -10.58 1.17 -10.38
CA GLU A 64 -10.29 1.99 -11.58
C GLU A 64 -10.10 3.48 -11.23
N ASP A 65 -9.47 4.21 -12.14
CA ASP A 65 -9.52 5.68 -12.01
C ASP A 65 -10.93 6.11 -12.45
N ASP A 66 -11.27 7.35 -12.16
CA ASP A 66 -12.64 7.82 -12.49
C ASP A 66 -12.97 7.76 -13.96
N ASN A 67 -11.96 7.91 -14.82
CA ASN A 67 -12.21 7.85 -16.25
C ASN A 67 -12.16 6.47 -16.84
N ALA A 68 -12.00 5.42 -16.04
CA ALA A 68 -11.97 4.03 -16.58
C ALA A 68 -10.94 3.91 -17.70
N MET A 69 -9.78 4.48 -17.45
CA MET A 69 -8.60 4.22 -18.33
C MET A 69 -7.66 3.19 -17.79
N PHE A 70 -7.66 2.98 -16.46
CA PHE A 70 -6.73 2.10 -15.82
C PHE A 70 -7.47 1.27 -14.79
N ARG A 71 -7.00 0.05 -14.58
CA ARG A 71 -7.55 -0.78 -13.48
C ARG A 71 -6.34 -1.49 -12.80
N PHE A 72 -6.30 -1.50 -11.47
CA PHE A 72 -5.24 -2.26 -10.81
C PHE A 72 -5.23 -3.73 -11.29
N ARG A 73 -4.02 -4.24 -11.50
CA ARG A 73 -3.86 -5.65 -11.85
CA ARG A 73 -3.82 -5.62 -11.88
C ARG A 73 -2.84 -6.28 -10.88
N TYR A 74 -3.27 -6.48 -9.64
CA TYR A 74 -2.43 -7.18 -8.68
C TYR A 74 -2.14 -8.56 -9.30
N SER A 75 -0.88 -8.98 -9.31
CA SER A 75 -0.56 -10.32 -9.86
C SER A 75 -0.88 -11.38 -8.85
N GLN A 76 -0.87 -12.64 -9.27
CA GLN A 76 -1.08 -13.74 -8.34
C GLN A 76 -0.01 -13.85 -7.24
N SER A 77 1.28 -13.62 -7.59
CA SER A 77 2.40 -13.51 -6.59
C SER A 77 2.15 -12.42 -5.55
N PHE A 78 1.64 -11.29 -6.04
CA PHE A 78 1.35 -10.17 -5.19
C PHE A 78 0.20 -10.58 -4.22
N LEU A 79 -0.85 -11.23 -4.76
CA LEU A 79 -2.01 -11.64 -3.93
C LEU A 79 -1.58 -12.61 -2.83
N HIS A 80 -0.73 -13.57 -3.22
CA HIS A 80 -0.09 -14.51 -2.26
C HIS A 80 0.69 -13.81 -1.13
N TRP A 81 1.54 -12.86 -1.51
CA TRP A 81 2.27 -12.05 -0.55
C TRP A 81 1.43 -11.12 0.38
N ALA A 82 0.42 -10.47 -0.19
CA ALA A 82 -0.35 -9.52 0.56
C ALA A 82 -1.34 -10.21 1.54
N LEU A 83 -1.79 -11.41 1.16
CA LEU A 83 -2.90 -12.09 1.83
C LEU A 83 -2.47 -13.26 2.70
N MET A 84 -1.21 -13.72 2.56
CA MET A 84 -0.74 -14.80 3.43
C MET A 84 0.50 -14.41 4.24
N SER A 85 0.29 -13.29 4.90
CA SER A 85 1.28 -12.67 5.72
C SER A 85 1.22 -13.28 7.11
N PRO A 86 2.18 -12.96 8.02
CA PRO A 86 2.20 -13.75 9.24
C PRO A 86 0.89 -13.71 10.03
N GLY A 87 0.47 -14.86 10.56
CA GLY A 87 -0.77 -14.90 11.35
C GLY A 87 -2.03 -15.04 10.49
N TRP A 88 -1.91 -15.00 9.17
CA TRP A 88 -3.07 -15.06 8.27
C TRP A 88 -3.96 -16.24 8.54
N LYS A 89 -5.24 -16.07 8.26
CA LYS A 89 -6.17 -17.16 8.41
C LYS A 89 -6.98 -17.21 7.17
N LYS A 90 -7.21 -18.41 6.63
CA LYS A 90 -8.11 -18.49 5.47
C LYS A 90 -9.53 -17.94 5.80
N GLU A 91 -9.95 -17.97 7.08
CA GLU A 91 -11.34 -17.51 7.44
C GLU A 91 -11.54 -16.03 7.09
N TRP A 92 -10.43 -15.27 7.06
CA TRP A 92 -10.49 -13.84 6.77
C TRP A 92 -10.35 -13.56 5.28
N HIS A 93 -10.45 -14.60 4.45
CA HIS A 93 -10.47 -14.36 3.02
C HIS A 93 -11.88 -14.73 2.50
N VAL A 94 -12.80 -13.77 2.47
CA VAL A 94 -14.20 -14.05 2.28
C VAL A 94 -14.63 -13.80 0.84
N GLY A 95 -15.23 -14.82 0.25
CA GLY A 95 -15.77 -14.76 -1.07
C GLY A 95 -17.28 -14.85 -1.01
N VAL A 96 -17.90 -14.47 -2.11
CA VAL A 96 -19.32 -14.72 -2.27
C VAL A 96 -19.35 -15.42 -3.62
N ARG A 97 -20.02 -16.58 -3.72
CA ARG A 97 -20.14 -17.24 -5.01
C ARG A 97 -21.59 -17.32 -5.49
N ALA A 98 -21.79 -17.30 -6.80
CA ALA A 98 -23.11 -17.68 -7.33
C ALA A 98 -23.38 -19.15 -7.01
N THR A 99 -24.59 -19.42 -6.51
CA THR A 99 -24.98 -20.71 -5.95
C THR A 99 -24.88 -21.78 -7.01
N LYS A 100 -25.45 -21.50 -8.17
CA LYS A 100 -25.46 -22.42 -9.37
C LYS A 100 -24.12 -22.63 -10.06
N SER A 101 -23.60 -21.55 -10.62
CA SER A 101 -22.40 -21.55 -11.44
C SER A 101 -21.12 -21.70 -10.65
N ARG A 102 -21.21 -21.41 -9.34
CA ARG A 102 -20.08 -21.32 -8.38
C ARG A 102 -19.13 -20.15 -8.66
N LYS A 103 -19.46 -19.27 -9.61
CA LYS A 103 -18.62 -18.11 -9.94
C LYS A 103 -18.35 -17.18 -8.70
N LEU A 104 -17.09 -16.83 -8.47
CA LEU A 104 -16.75 -15.91 -7.40
C LEU A 104 -17.17 -14.51 -7.91
N VAL A 105 -18.08 -13.85 -7.20
CA VAL A 105 -18.59 -12.52 -7.60
C VAL A 105 -18.29 -11.36 -6.63
N ALA A 106 -17.72 -11.67 -5.47
CA ALA A 106 -17.29 -10.61 -4.54
C ALA A 106 -16.29 -11.17 -3.60
N SER A 107 -15.50 -10.27 -2.99
CA SER A 107 -14.49 -10.66 -2.04
C SER A 107 -14.31 -9.58 -1.03
N ILE A 108 -13.86 -9.95 0.17
CA ILE A 108 -13.41 -8.96 1.07
C ILE A 108 -12.37 -9.66 1.97
N CYS A 109 -11.18 -9.04 2.15
CA CYS A 109 -10.09 -9.72 2.87
C CYS A 109 -9.48 -9.04 4.07
N GLY A 110 -8.94 -9.83 5.00
CA GLY A 110 -8.21 -9.29 6.13
C GLY A 110 -6.94 -10.01 6.36
N VAL A 111 -5.94 -9.30 6.85
CA VAL A 111 -4.81 -9.96 7.54
C VAL A 111 -4.54 -9.29 8.89
N PRO A 112 -3.99 -10.06 9.86
CA PRO A 112 -3.78 -9.45 11.16
C PRO A 112 -2.50 -8.65 11.22
N THR A 113 -2.52 -7.60 12.02
CA THR A 113 -1.26 -6.97 12.39
C THR A 113 -1.45 -6.19 13.68
N GLU A 114 -0.37 -5.64 14.19
CA GLU A 114 -0.50 -4.70 15.29
C GLU A 114 -0.17 -3.31 14.82
N ILE A 115 -0.91 -2.33 15.32
CA ILE A 115 -0.60 -0.95 15.02
C ILE A 115 -0.48 -0.15 16.34
N ASN A 116 0.21 0.96 16.28
CA ASN A 116 0.31 1.92 17.38
C ASN A 116 -0.55 3.12 17.00
N VAL A 117 -1.49 3.47 17.87
CA VAL A 117 -2.34 4.67 17.68
C VAL A 117 -2.07 5.62 18.87
N ARG A 118 -1.28 6.66 18.61
CA ARG A 118 -0.76 7.54 19.67
C ARG A 118 -0.35 6.72 20.89
N ASN A 119 0.51 5.73 20.66
CA ASN A 119 1.20 4.99 21.73
C ASN A 119 0.32 4.03 22.58
N GLN A 120 -0.85 3.65 22.05
CA GLN A 120 -1.56 2.44 22.49
C GLN A 120 -1.42 1.47 21.36
N LYS A 121 -0.87 0.30 21.65
CA LYS A 121 -0.80 -0.78 20.67
C LYS A 121 -2.13 -1.47 20.55
N LEU A 122 -2.51 -1.81 19.32
CA LEU A 122 -3.78 -2.49 19.10
C LEU A 122 -3.61 -3.62 18.13
N LYS A 123 -4.23 -4.73 18.49
CA LYS A 123 -4.37 -5.86 17.58
C LYS A 123 -5.53 -5.59 16.60
N VAL A 124 -5.20 -5.60 15.29
CA VAL A 124 -6.18 -5.21 14.32
C VAL A 124 -6.21 -6.22 13.18
N VAL A 125 -7.24 -6.12 12.32
CA VAL A 125 -7.09 -6.65 10.96
C VAL A 125 -6.96 -5.46 10.02
N GLU A 126 -6.20 -5.62 8.93
CA GLU A 126 -6.13 -4.67 7.83
C GLU A 126 -7.02 -5.24 6.76
N ILE A 127 -8.04 -4.49 6.34
CA ILE A 127 -9.01 -4.93 5.34
C ILE A 127 -8.63 -4.38 3.98
N ASN A 128 -8.70 -5.22 2.95
CA ASN A 128 -8.28 -4.80 1.62
C ASN A 128 -9.00 -5.76 0.62
N PHE A 129 -9.00 -5.45 -0.67
CA PHE A 129 -9.51 -6.30 -1.68
C PHE A 129 -11.01 -6.53 -1.52
N LEU A 130 -11.68 -5.54 -0.96
CA LEU A 130 -13.15 -5.47 -1.15
C LEU A 130 -13.48 -5.27 -2.64
N CYS A 131 -14.27 -6.14 -3.19
CA CYS A 131 -14.52 -6.09 -4.64
C CYS A 131 -15.85 -6.72 -4.93
N ILE A 132 -16.67 -6.00 -5.71
CA ILE A 132 -17.92 -6.62 -6.18
C ILE A 132 -17.96 -6.57 -7.67
N HIS A 133 -18.30 -7.71 -8.29
CA HIS A 133 -18.52 -7.77 -9.71
C HIS A 133 -19.39 -6.60 -10.19
N LYS A 134 -18.97 -5.95 -11.29
CA LYS A 134 -19.74 -4.85 -11.89
C LYS A 134 -21.24 -5.10 -11.99
N LYS A 135 -21.64 -6.33 -12.35
CA LYS A 135 -23.08 -6.64 -12.47
C LYS A 135 -23.86 -6.66 -11.14
N LEU A 136 -23.14 -6.75 -10.01
CA LEU A 136 -23.79 -6.75 -8.70
C LEU A 136 -23.66 -5.45 -7.91
N ARG A 137 -23.19 -4.39 -8.56
CA ARG A 137 -22.97 -3.14 -7.86
C ARG A 137 -24.21 -2.34 -7.52
N SER A 138 -24.13 -1.51 -6.47
CA SER A 138 -25.26 -0.62 -6.10
C SER A 138 -26.43 -1.44 -5.61
N LYS A 139 -26.13 -2.60 -5.03
CA LYS A 139 -27.17 -3.43 -4.36
C LYS A 139 -26.93 -3.56 -2.87
N ARG A 140 -26.08 -2.70 -2.31
CA ARG A 140 -25.85 -2.65 -0.86
C ARG A 140 -25.32 -3.98 -0.35
N LEU A 141 -24.54 -4.63 -1.21
CA LEU A 141 -23.90 -5.88 -0.79
C LEU A 141 -22.69 -5.51 0.08
N THR A 142 -22.11 -4.34 -0.16
CA THR A 142 -20.95 -3.89 0.68
C THR A 142 -21.13 -3.97 2.22
N PRO A 143 -22.18 -3.34 2.76
CA PRO A 143 -22.45 -3.45 4.21
C PRO A 143 -22.48 -4.91 4.67
N VAL A 144 -23.06 -5.77 3.82
CA VAL A 144 -23.20 -7.19 4.15
C VAL A 144 -21.84 -7.90 4.19
N LEU A 145 -20.97 -7.62 3.19
CA LEU A 145 -19.58 -8.14 3.19
C LEU A 145 -18.86 -7.65 4.43
N ILE A 146 -19.00 -6.35 4.71
CA ILE A 146 -18.32 -5.76 5.89
C ILE A 146 -18.75 -6.46 7.17
N LYS A 147 -20.05 -6.60 7.34
CA LYS A 147 -20.58 -7.15 8.55
C LYS A 147 -20.13 -8.59 8.71
N GLU A 148 -20.00 -9.34 7.61
CA GLU A 148 -19.56 -10.72 7.68
C GLU A 148 -18.07 -10.90 8.06
N ILE A 149 -17.19 -10.12 7.45
CA ILE A 149 -15.81 -10.22 7.85
C ILE A 149 -15.67 -9.73 9.28
N THR A 150 -16.51 -8.77 9.66
CA THR A 150 -16.47 -8.27 11.03
C THR A 150 -16.79 -9.43 12.00
N ARG A 151 -17.83 -10.18 11.70
CA ARG A 151 -18.21 -11.33 12.53
C ARG A 151 -17.06 -12.34 12.68
N ARG A 152 -16.42 -12.70 11.55
CA ARG A 152 -15.29 -13.60 11.57
C ARG A 152 -14.08 -13.11 12.37
N CYS A 153 -13.87 -11.79 12.38
CA CYS A 153 -12.81 -11.19 13.19
C CYS A 153 -13.19 -11.25 14.66
N TYR A 154 -14.40 -10.83 14.98
CA TYR A 154 -14.89 -10.95 16.38
C TYR A 154 -14.80 -12.37 16.90
N LEU A 155 -15.04 -13.39 16.09
CA LEU A 155 -14.96 -14.79 16.59
C LEU A 155 -13.56 -15.20 16.96
N ASN A 156 -12.58 -14.49 16.38
CA ASN A 156 -11.19 -14.70 16.62
C ASN A 156 -10.59 -13.71 17.55
N GLY A 157 -11.42 -12.99 18.31
CA GLY A 157 -10.89 -12.03 19.25
C GLY A 157 -10.32 -10.73 18.69
N ILE A 158 -10.65 -10.40 17.42
CA ILE A 158 -10.17 -9.13 16.88
C ILE A 158 -11.36 -8.18 16.76
N TYR A 159 -11.28 -6.97 17.33
CA TYR A 159 -12.43 -6.09 17.43
C TYR A 159 -12.23 -4.73 16.85
N GLN A 160 -11.04 -4.50 16.25
CA GLN A 160 -10.67 -3.25 15.59
C GLN A 160 -10.01 -3.57 14.24
N ALA A 161 -10.05 -2.55 13.36
CA ALA A 161 -9.51 -2.69 12.02
C ALA A 161 -8.93 -1.38 11.56
N ILE A 162 -8.02 -1.45 10.57
CA ILE A 162 -7.60 -0.27 9.88
C ILE A 162 -7.76 -0.58 8.42
N TYR A 163 -8.17 0.43 7.67
CA TYR A 163 -8.27 0.23 6.23
C TYR A 163 -8.10 1.58 5.50
N THR A 164 -7.81 1.51 4.20
CA THR A 164 -7.70 2.74 3.42
C THR A 164 -8.60 2.62 2.22
N ALA A 165 -9.00 3.78 1.72
CA ALA A 165 -9.80 3.79 0.49
C ALA A 165 -9.44 5.06 -0.30
N GLY A 166 -9.66 5.03 -1.61
CA GLY A 166 -9.51 6.27 -2.40
C GLY A 166 -10.77 7.12 -2.40
N VAL A 167 -11.73 6.78 -1.54
CA VAL A 167 -12.97 7.55 -1.44
C VAL A 167 -13.18 7.97 -0.01
N VAL A 168 -13.87 9.10 0.15
CA VAL A 168 -14.22 9.68 1.44
C VAL A 168 -15.43 8.94 2.00
N LEU A 169 -15.29 8.43 3.22
CA LEU A 169 -16.34 7.75 3.96
C LEU A 169 -16.30 8.38 5.36
N PRO A 170 -17.24 8.02 6.25
CA PRO A 170 -17.35 8.74 7.53
C PRO A 170 -16.09 8.68 8.40
N THR A 171 -15.69 9.84 8.91
CA THR A 171 -14.72 9.92 9.96
C THR A 171 -13.31 9.35 9.50
N PRO A 172 -12.69 9.87 8.40
CA PRO A 172 -11.27 9.48 8.14
C PRO A 172 -10.39 9.93 9.28
N VAL A 173 -9.36 9.14 9.61
CA VAL A 173 -8.37 9.48 10.61
C VAL A 173 -7.26 10.30 9.98
N SER A 174 -7.07 10.11 8.68
CA SER A 174 -6.15 10.95 7.90
C SER A 174 -6.42 10.82 6.41
N SER A 175 -5.77 11.68 5.64
CA SER A 175 -5.88 11.73 4.21
C SER A 175 -4.52 12.13 3.64
N CYS A 176 -4.11 11.44 2.59
CA CYS A 176 -2.77 11.71 2.03
C CYS A 176 -2.89 11.80 0.52
N ARG A 177 -2.05 12.66 -0.12
CA ARG A 177 -2.19 12.78 -1.58
C ARG A 177 -1.22 11.89 -2.29
N TYR A 178 -1.60 11.27 -3.42
CA TYR A 178 -0.66 10.56 -4.28
C TYR A 178 0.26 11.52 -5.07
N TYR A 179 1.53 11.13 -5.17
CA TYR A 179 2.51 11.85 -6.00
C TYR A 179 3.18 10.83 -6.94
N HIS A 180 3.65 11.31 -8.11
CA HIS A 180 4.06 10.40 -9.18
C HIS A 180 5.31 10.90 -9.87
N ARG A 181 6.40 10.13 -9.78
CA ARG A 181 7.64 10.58 -10.40
C ARG A 181 7.76 9.78 -11.73
N PRO A 182 7.66 10.46 -12.90
CA PRO A 182 7.68 9.72 -14.20
C PRO A 182 9.03 9.04 -14.37
N LEU A 183 9.04 7.83 -14.87
CA LEU A 183 10.31 7.19 -15.17
C LEU A 183 10.42 7.05 -16.67
N ASP A 184 9.32 6.69 -17.30
CA ASP A 184 9.18 6.70 -18.77
C ASP A 184 8.07 7.73 -19.10
N TRP A 185 8.46 9.01 -19.18
CA TRP A 185 7.48 10.12 -19.26
C TRP A 185 6.67 9.94 -20.56
N LEU A 186 7.35 9.62 -21.66
CA LEU A 186 6.58 9.52 -22.94
C LEU A 186 5.50 8.41 -22.91
N LYS A 187 5.83 7.24 -22.39
CA LYS A 187 4.81 6.18 -22.20
C LYS A 187 3.64 6.74 -21.37
N LEU A 188 3.94 7.53 -20.34
CA LEU A 188 2.90 8.01 -19.44
C LEU A 188 2.06 9.02 -20.09
N TYR A 189 2.67 9.79 -20.99
CA TYR A 189 1.97 10.78 -21.78
C TYR A 189 0.99 10.07 -22.71
N GLU A 190 1.47 9.05 -23.42
CA GLU A 190 0.72 8.37 -24.44
C GLU A 190 -0.48 7.63 -23.87
N VAL A 191 -0.38 7.19 -22.62
CA VAL A 191 -1.54 6.48 -22.05
C VAL A 191 -2.55 7.40 -21.38
N GLY A 192 -2.21 8.69 -21.27
CA GLY A 192 -3.07 9.69 -20.63
C GLY A 192 -2.82 9.80 -19.13
N PHE A 193 -1.78 9.14 -18.62
CA PHE A 193 -1.38 9.29 -17.22
C PHE A 193 -0.79 10.67 -16.85
N SER A 194 0.23 11.06 -17.63
CA SER A 194 0.98 12.34 -17.42
C SER A 194 0.60 13.41 -18.44
N PRO A 195 0.15 14.59 -17.97
CA PRO A 195 -0.17 15.73 -18.86
C PRO A 195 1.08 16.40 -19.42
N LEU A 196 0.94 17.12 -20.53
CA LEU A 196 1.95 18.09 -20.94
C LEU A 196 1.65 19.45 -20.31
N PRO A 197 2.52 19.97 -19.40
CA PRO A 197 2.27 21.31 -18.83
C PRO A 197 2.12 22.41 -19.88
N ALA A 198 1.25 23.38 -19.55
CA ALA A 198 0.68 24.37 -20.47
C ALA A 198 1.66 24.86 -21.52
N GLY A 199 2.75 25.48 -21.08
CA GLY A 199 3.70 26.11 -22.00
C GLY A 199 4.91 25.25 -22.36
N SER A 200 4.86 23.96 -22.03
CA SER A 200 6.01 23.06 -22.20
C SER A 200 5.98 22.29 -23.51
N THR A 201 6.98 21.45 -23.70
CA THR A 201 7.02 20.52 -24.80
C THR A 201 7.47 19.15 -24.30
N LYS A 202 7.20 18.14 -25.09
CA LYS A 202 7.57 16.78 -24.76
C LYS A 202 9.08 16.67 -24.50
N ALA A 203 9.90 17.36 -25.28
CA ALA A 203 11.37 17.27 -25.09
C ALA A 203 11.80 17.79 -23.73
N ARG A 204 11.15 18.86 -23.32
CA ARG A 204 11.49 19.47 -22.05
C ARG A 204 11.09 18.47 -20.95
N GLN A 205 9.94 17.79 -21.12
CA GLN A 205 9.46 16.89 -20.06
C GLN A 205 10.39 15.67 -19.98
N ILE A 206 10.87 15.20 -21.14
CA ILE A 206 11.78 14.06 -21.18
C ILE A 206 13.08 14.43 -20.52
N THR A 207 13.61 15.60 -20.88
CA THR A 207 14.83 16.09 -20.30
C THR A 207 14.65 16.22 -18.78
N LYS A 208 13.55 16.84 -18.36
CA LYS A 208 13.30 17.12 -16.94
C LYS A 208 13.30 15.83 -16.09
N ASN A 209 12.77 14.73 -16.64
CA ASN A 209 12.68 13.47 -15.90
C ASN A 209 13.89 12.56 -16.02
N HIS A 210 14.96 12.98 -16.74
CA HIS A 210 16.16 12.13 -16.79
CA HIS A 210 16.18 12.16 -16.82
C HIS A 210 16.61 11.83 -15.38
N LEU A 211 17.28 10.72 -15.20
CA LEU A 211 17.87 10.34 -13.92
C LEU A 211 19.29 9.84 -14.20
N PRO A 212 20.18 9.93 -13.18
CA PRO A 212 21.55 9.42 -13.26
C PRO A 212 21.55 7.96 -13.58
N SER A 213 22.67 7.44 -14.09
CA SER A 213 22.73 6.05 -14.53
C SER A 213 23.13 5.16 -13.36
N THR A 214 23.64 5.76 -12.29
CA THR A 214 24.10 4.96 -11.17
C THR A 214 23.70 5.63 -9.89
N THR A 215 23.51 4.82 -8.84
CA THR A 215 23.18 5.29 -7.50
C THR A 215 24.37 5.99 -6.81
N SER A 216 24.07 6.89 -5.87
CA SER A 216 25.09 7.66 -5.22
C SER A 216 25.32 7.24 -3.75
N THR A 217 24.35 6.63 -3.07
CA THR A 217 24.55 6.43 -1.63
C THR A 217 25.66 5.38 -1.39
N PRO A 218 26.72 5.76 -0.67
CA PRO A 218 27.75 4.78 -0.35
C PRO A 218 27.21 3.65 0.49
N GLY A 219 27.43 2.45 -0.03
CA GLY A 219 27.19 1.16 0.62
C GLY A 219 25.79 0.61 0.35
N LEU A 220 25.08 1.23 -0.58
CA LEU A 220 23.75 0.74 -1.00
C LEU A 220 23.84 -0.61 -1.63
N ARG A 221 22.98 -1.52 -1.18
CA ARG A 221 22.93 -2.87 -1.75
C ARG A 221 21.56 -3.45 -1.48
N PRO A 222 21.20 -4.50 -2.21
CA PRO A 222 19.98 -5.15 -1.84
C PRO A 222 19.95 -5.73 -0.43
N MET A 223 18.74 -5.74 0.12
CA MET A 223 18.50 -6.32 1.43
C MET A 223 18.67 -7.84 1.36
N GLU A 224 19.22 -8.41 2.42
CA GLU A 224 19.29 -9.86 2.53
C GLU A 224 18.72 -10.35 3.83
N PRO A 225 18.46 -11.68 3.91
CA PRO A 225 17.91 -12.24 5.14
C PRO A 225 18.74 -11.90 6.39
N LYS A 226 20.06 -11.87 6.24
CA LYS A 226 20.94 -11.56 7.36
C LYS A 226 20.68 -10.13 7.86
N ASP A 227 20.03 -9.28 7.05
CA ASP A 227 19.75 -7.89 7.48
C ASP A 227 18.46 -7.74 8.32
N ILE A 228 17.67 -8.82 8.50
CA ILE A 228 16.31 -8.71 9.10
C ILE A 228 16.27 -8.09 10.48
N ASP A 229 17.08 -8.59 11.44
CA ASP A 229 17.02 -7.97 12.76
C ASP A 229 17.46 -6.55 12.82
N THR A 230 18.48 -6.17 12.05
CA THR A 230 18.88 -4.78 12.07
C THR A 230 17.88 -3.83 11.45
N VAL A 231 17.33 -4.25 10.32
CA VAL A 231 16.31 -3.44 9.65
C VAL A 231 15.09 -3.34 10.57
N HIS A 232 14.68 -4.47 11.17
CA HIS A 232 13.55 -4.47 12.11
C HIS A 232 13.75 -3.43 13.18
N ASP A 233 14.96 -3.38 13.77
CA ASP A 233 15.18 -2.43 14.85
C ASP A 233 15.11 -1.01 14.33
N LEU A 234 15.68 -0.77 13.17
CA LEU A 234 15.81 0.56 12.63
C LEU A 234 14.39 1.09 12.22
N LEU A 235 13.63 0.24 11.55
CA LEU A 235 12.25 0.58 11.09
C LEU A 235 11.36 0.87 12.29
N GLN A 236 11.34 -0.02 13.28
CA GLN A 236 10.60 0.30 14.52
C GLN A 236 10.95 1.60 15.20
N ARG A 237 12.25 1.90 15.37
CA ARG A 237 12.63 3.24 15.87
C ARG A 237 12.09 4.38 15.00
N TYR A 238 12.20 4.24 13.70
CA TYR A 238 11.81 5.30 12.84
C TYR A 238 10.28 5.45 12.80
N LEU A 239 9.58 4.33 12.78
CA LEU A 239 8.12 4.36 12.67
C LEU A 239 7.55 4.92 13.99
N SER A 240 8.30 4.74 15.08
CA SER A 240 7.82 5.27 16.36
C SER A 240 7.64 6.80 16.36
N ARG A 241 8.19 7.50 15.38
CA ARG A 241 8.02 8.92 15.20
C ARG A 241 6.65 9.38 14.65
N PHE A 242 5.76 8.44 14.39
CA PHE A 242 4.48 8.74 13.73
C PHE A 242 3.30 8.37 14.63
N ALA A 243 2.26 9.23 14.65
CA ALA A 243 1.17 9.03 15.61
C ALA A 243 0.44 7.70 15.37
N LEU A 244 0.33 7.36 14.08
CA LEU A 244 -0.31 6.16 13.65
C LEU A 244 0.71 5.36 12.83
N ASN A 245 1.12 4.20 13.35
CA ASN A 245 2.15 3.39 12.67
C ASN A 245 1.92 1.89 12.79
N GLN A 246 2.59 1.11 11.91
CA GLN A 246 2.45 -0.33 11.98
C GLN A 246 3.56 -0.87 12.86
N ALA A 247 3.23 -1.71 13.85
CA ALA A 247 4.22 -2.23 14.82
C ALA A 247 4.75 -3.60 14.37
N PHE A 248 5.69 -3.54 13.45
CA PHE A 248 6.32 -4.70 12.85
C PHE A 248 6.92 -5.76 13.79
N THR A 249 6.60 -7.02 13.48
CA THR A 249 7.34 -8.13 14.06
C THR A 249 8.51 -8.51 13.15
N ARG A 250 9.44 -9.30 13.68
CA ARG A 250 10.49 -9.90 12.84
C ARG A 250 9.94 -10.67 11.65
N GLU A 251 8.94 -11.49 11.85
CA GLU A 251 8.32 -12.22 10.76
C GLU A 251 7.70 -11.32 9.76
N GLU A 252 7.10 -10.23 10.25
CA GLU A 252 6.55 -9.31 9.31
C GLU A 252 7.70 -8.69 8.54
N VAL A 253 8.82 -8.36 9.18
CA VAL A 253 9.90 -7.78 8.34
C VAL A 253 10.37 -8.78 7.31
N ASP A 254 10.58 -10.04 7.75
CA ASP A 254 10.89 -11.10 6.79
C ASP A 254 9.91 -11.18 5.63
N HIS A 255 8.62 -11.19 5.94
CA HIS A 255 7.60 -11.44 4.92
C HIS A 255 7.49 -10.26 3.93
N TRP A 256 7.41 -9.06 4.50
CA TRP A 256 7.06 -7.84 3.77
C TRP A 256 8.27 -7.27 3.10
N LEU A 257 9.48 -7.52 3.63
CA LEU A 257 10.61 -6.79 3.06
C LEU A 257 11.59 -7.70 2.30
N VAL A 258 11.59 -8.99 2.58
CA VAL A 258 12.60 -9.79 1.87
C VAL A 258 12.06 -10.69 0.78
N HIS A 259 12.44 -10.37 -0.45
CA HIS A 259 12.01 -11.12 -1.63
C HIS A 259 12.64 -12.51 -1.60
N LYS A 260 11.80 -13.51 -1.93
CA LYS A 260 12.16 -14.95 -1.94
C LYS A 260 12.12 -15.50 -3.36
N PRO A 261 13.29 -15.44 -4.03
CA PRO A 261 13.34 -15.75 -5.46
C PRO A 261 13.01 -17.22 -5.78
N GLU A 262 13.06 -18.13 -4.79
CA GLU A 262 12.75 -19.58 -5.04
C GLU A 262 11.24 -19.91 -5.09
N VAL A 264 8.75 -15.50 -4.88
CA VAL A 264 7.58 -15.65 -5.76
C VAL A 264 7.92 -16.01 -7.23
N LYS A 265 6.87 -16.32 -8.02
CA LYS A 265 6.96 -16.42 -9.50
C LYS A 265 7.51 -15.12 -10.17
N GLU A 266 7.11 -13.98 -9.64
CA GLU A 266 7.29 -12.68 -10.28
C GLU A 266 7.58 -11.75 -9.07
N GLN A 267 8.78 -11.16 -9.00
CA GLN A 267 9.20 -10.29 -7.89
C GLN A 267 8.11 -9.23 -7.63
N VAL A 268 7.79 -9.08 -6.33
CA VAL A 268 6.83 -8.07 -5.87
C VAL A 268 7.47 -6.97 -5.03
N VAL A 269 8.51 -7.29 -4.26
CA VAL A 269 9.06 -6.34 -3.30
C VAL A 269 10.56 -6.14 -3.56
N TRP A 270 11.01 -4.90 -3.58
CA TRP A 270 12.42 -4.58 -3.77
C TRP A 270 12.83 -3.89 -2.50
N ALA A 271 13.88 -4.38 -1.83
CA ALA A 271 14.35 -3.73 -0.59
C ALA A 271 15.85 -3.49 -0.67
N TYR A 272 16.31 -2.35 -0.21
CA TYR A 272 17.75 -2.04 -0.28
C TYR A 272 18.14 -1.52 1.05
N VAL A 273 19.36 -1.85 1.47
CA VAL A 273 19.93 -1.35 2.70
C VAL A 273 21.18 -0.55 2.39
N VAL A 274 21.55 0.31 3.32
CA VAL A 274 22.81 1.01 3.24
C VAL A 274 23.67 0.44 4.39
N GLU A 275 24.72 -0.28 4.01
CA GLU A 275 25.74 -0.80 4.93
C GLU A 275 26.84 0.22 4.95
N ASP A 276 27.03 0.83 6.11
CA ASP A 276 28.03 1.90 6.24
C ASP A 276 29.44 1.39 5.88
N PRO A 277 30.10 2.06 4.93
CA PRO A 277 31.32 1.48 4.37
C PRO A 277 32.39 1.29 5.46
N GLU A 278 32.32 2.13 6.51
CA GLU A 278 33.27 2.10 7.63
C GLU A 278 32.83 1.24 8.82
N THR A 279 31.60 1.42 9.33
CA THR A 279 31.20 0.64 10.51
C THR A 279 30.60 -0.68 10.06
N HIS A 280 30.18 -0.77 8.80
CA HIS A 280 29.35 -1.89 8.33
C HIS A 280 28.00 -2.14 9.02
N LYS A 281 27.52 -1.18 9.80
CA LYS A 281 26.20 -1.29 10.34
C LYS A 281 25.21 -0.81 9.26
N ILE A 282 24.02 -1.37 9.27
CA ILE A 282 23.06 -0.76 8.38
C ILE A 282 22.46 0.56 8.96
N THR A 283 22.60 1.65 8.22
CA THR A 283 22.19 2.94 8.70
C THR A 283 20.92 3.49 8.03
N ASP A 284 20.57 2.89 6.89
CA ASP A 284 19.34 3.32 6.15
C ASP A 284 18.78 2.09 5.44
N PHE A 285 17.50 2.19 5.04
CA PHE A 285 16.97 1.23 4.06
C PHE A 285 15.72 1.83 3.38
N PHE A 286 15.39 1.32 2.21
CA PHE A 286 14.12 1.78 1.62
C PHE A 286 13.60 0.62 0.83
N SER A 287 12.30 0.63 0.48
CA SER A 287 11.72 -0.52 -0.22
C SER A 287 10.61 0.05 -1.12
N PHE A 288 10.29 -0.67 -2.20
CA PHE A 288 9.18 -0.27 -3.07
C PHE A 288 8.60 -1.53 -3.67
N TYR A 289 7.30 -1.53 -4.00
CA TYR A 289 6.67 -2.71 -4.57
C TYR A 289 6.08 -2.48 -5.94
N ASN A 290 5.81 -3.59 -6.59
CA ASN A 290 5.40 -3.64 -7.97
C ASN A 290 3.87 -3.84 -8.03
N LEU A 291 3.18 -2.85 -8.60
CA LEU A 291 1.74 -2.99 -8.88
C LEU A 291 1.44 -2.38 -10.25
N GLU A 292 1.09 -3.23 -11.21
CA GLU A 292 0.82 -2.80 -12.54
C GLU A 292 -0.65 -2.44 -12.67
N SER A 293 -0.97 -1.55 -13.58
CA SER A 293 -2.35 -1.26 -13.94
C SER A 293 -2.59 -1.62 -15.37
N THR A 294 -3.69 -2.34 -15.61
CA THR A 294 -4.18 -2.55 -16.94
C THR A 294 -4.52 -1.16 -17.54
N VAL A 295 -4.05 -0.96 -18.78
CA VAL A 295 -4.52 0.16 -19.60
C VAL A 295 -5.70 -0.34 -20.42
N ILE A 296 -6.86 0.31 -20.25
CA ILE A 296 -8.12 -0.15 -20.84
C ILE A 296 -8.36 0.46 -22.23
N GLN A 297 -8.64 -0.39 -23.21
CA GLN A 297 -9.05 0.05 -24.59
C GLN A 297 -8.16 1.08 -25.29
N ASN A 298 -6.85 0.88 -25.11
CA ASN A 298 -5.81 1.61 -25.83
C ASN A 298 -5.10 0.56 -26.73
N PRO A 299 -5.27 0.68 -28.07
CA PRO A 299 -4.71 -0.38 -28.96
C PRO A 299 -3.16 -0.49 -28.98
N LYS A 300 -2.44 0.55 -28.52
CA LYS A 300 -0.96 0.61 -28.52
C LYS A 300 -0.25 0.29 -27.15
N HIS A 301 -1.01 0.24 -26.05
CA HIS A 301 -0.40 -0.04 -24.71
C HIS A 301 -1.42 -0.73 -23.85
N ASP A 302 -1.00 -1.78 -23.13
CA ASP A 302 -1.95 -2.47 -22.29
C ASP A 302 -1.63 -2.42 -20.79
N ASN A 303 -0.55 -1.71 -20.42
CA ASN A 303 0.04 -1.79 -19.09
C ASN A 303 0.78 -0.56 -18.63
N VAL A 304 0.66 -0.18 -17.34
CA VAL A 304 1.50 0.84 -16.70
C VAL A 304 2.22 0.11 -15.57
N ARG A 305 3.54 0.07 -15.53
CA ARG A 305 4.23 -0.69 -14.47
C ARG A 305 4.63 0.29 -13.43
N ALA A 306 3.90 0.34 -12.30
CA ALA A 306 4.22 1.28 -11.23
C ALA A 306 4.99 0.59 -10.10
N ALA A 307 5.98 1.31 -9.61
CA ALA A 307 6.60 1.03 -8.33
C ALA A 307 5.97 1.96 -7.31
N TYR A 308 5.70 1.44 -6.12
CA TYR A 308 5.21 2.29 -5.03
C TYR A 308 6.20 2.28 -3.92
N LEU A 309 6.58 3.47 -3.40
CA LEU A 309 7.41 3.61 -2.19
C LEU A 309 6.71 2.94 -1.03
N TYR A 310 7.45 2.07 -0.35
CA TYR A 310 6.84 1.32 0.74
C TYR A 310 7.50 1.79 2.02
N TYR A 311 8.09 0.91 2.81
CA TYR A 311 8.68 1.38 4.04
C TYR A 311 10.16 1.73 3.84
N TYR A 312 10.59 2.62 4.71
CA TYR A 312 12.00 3.05 4.75
C TYR A 312 12.35 3.61 6.12
N ALA A 313 13.66 3.87 6.33
CA ALA A 313 14.13 4.34 7.61
C ALA A 313 15.57 4.84 7.42
N THR A 314 15.99 5.67 8.36
CA THR A 314 17.35 6.21 8.29
C THR A 314 17.76 6.70 9.69
N GLU A 315 18.99 6.42 10.13
CA GLU A 315 19.45 6.86 11.44
C GLU A 315 19.54 8.38 11.49
N THR A 316 19.62 9.01 10.31
CA THR A 316 19.77 10.46 10.28
C THR A 316 18.55 11.14 10.92
N ALA A 317 17.40 10.46 10.93
CA ALA A 317 16.15 11.00 11.49
C ALA A 317 16.21 11.29 13.01
N PHE A 318 17.03 10.53 13.73
CA PHE A 318 17.07 10.64 15.20
C PHE A 318 17.83 11.84 15.71
N THR A 319 18.57 12.51 14.83
CA THR A 319 19.23 13.77 15.16
C THR A 319 18.25 14.94 15.33
N ASN A 320 17.04 14.82 14.78
CA ASN A 320 16.06 15.93 14.67
C ASN A 320 16.65 17.20 14.02
N ASN A 321 17.64 16.99 13.15
CA ASN A 321 18.14 18.02 12.25
C ASN A 321 17.31 17.82 10.93
N MET A 322 16.22 18.60 10.77
CA MET A 322 15.29 18.36 9.64
C MET A 322 16.00 18.57 8.29
N LYS A 323 17.01 19.44 8.29
CA LYS A 323 17.78 19.71 7.06
C LYS A 323 18.62 18.49 6.67
N ALA A 324 19.31 17.90 7.64
CA ALA A 324 20.14 16.68 7.40
C ALA A 324 19.27 15.48 6.99
N LEU A 325 18.11 15.34 7.63
CA LEU A 325 17.14 14.34 7.17
C LEU A 325 16.70 14.53 5.71
N LYS A 326 16.31 15.76 5.35
CA LYS A 326 15.98 16.10 3.99
C LYS A 326 17.05 15.69 3.00
N GLU A 327 18.29 16.10 3.33
CA GLU A 327 19.45 15.79 2.53
C GLU A 327 19.62 14.32 2.32
N ARG A 328 19.54 13.57 3.42
CA ARG A 328 19.70 12.15 3.34
C ARG A 328 18.59 11.51 2.45
N LEU A 329 17.37 11.98 2.64
CA LEU A 329 16.23 11.42 1.92
C LEU A 329 16.26 11.77 0.45
N LEU A 330 16.77 12.95 0.09
CA LEU A 330 16.91 13.31 -1.31
C LEU A 330 17.86 12.34 -1.98
N MET A 331 18.93 11.97 -1.28
CA MET A 331 19.87 11.03 -1.81
C MET A 331 19.32 9.60 -1.92
N LEU A 332 18.80 9.08 -0.81
CA LEU A 332 18.23 7.73 -0.80
C LEU A 332 17.12 7.53 -1.78
N MET A 333 16.17 8.47 -1.82
CA MET A 333 15.00 8.33 -2.75
C MET A 333 15.37 8.57 -4.21
N ASN A 334 16.32 9.46 -4.49
CA ASN A 334 16.79 9.48 -5.91
C ASN A 334 17.38 8.14 -6.33
N ASP A 335 18.17 7.52 -5.44
CA ASP A 335 18.61 6.15 -5.68
C ASP A 335 17.45 5.17 -5.88
N ALA A 336 16.39 5.26 -5.06
CA ALA A 336 15.19 4.43 -5.25
C ALA A 336 14.64 4.61 -6.71
N LEU A 337 14.56 5.87 -7.17
CA LEU A 337 14.12 6.13 -8.58
C LEU A 337 15.04 5.51 -9.65
N ILE A 338 16.32 5.70 -9.49
CA ILE A 338 17.31 5.04 -10.40
C ILE A 338 17.16 3.53 -10.47
N LEU A 339 17.00 2.90 -9.29
CA LEU A 339 16.80 1.48 -9.21
C LEU A 339 15.50 1.01 -9.83
N ALA A 340 14.42 1.74 -9.56
CA ALA A 340 13.10 1.41 -10.14
C ALA A 340 13.19 1.57 -11.67
N LYS A 341 13.85 2.64 -12.09
CA LYS A 341 14.08 2.89 -13.53
C LYS A 341 14.91 1.72 -14.10
N LYS A 342 16.01 1.32 -13.48
CA LYS A 342 16.73 0.14 -14.00
C LYS A 342 15.88 -1.15 -14.01
N ALA A 343 14.91 -1.26 -13.10
CA ALA A 343 14.05 -2.40 -13.04
C ALA A 343 12.87 -2.27 -13.99
N HIS A 344 12.93 -1.25 -14.85
CA HIS A 344 11.96 -1.01 -15.93
C HIS A 344 10.58 -0.59 -15.48
N PHE A 345 10.47 0.11 -14.34
CA PHE A 345 9.19 0.72 -14.03
C PHE A 345 8.98 1.95 -14.86
N ASP A 346 7.72 2.22 -15.18
CA ASP A 346 7.34 3.37 -15.95
C ASP A 346 7.10 4.58 -15.02
N VAL A 347 6.66 4.37 -13.77
CA VAL A 347 6.44 5.53 -12.86
C VAL A 347 6.74 5.09 -11.45
N PHE A 348 7.07 6.04 -10.57
CA PHE A 348 7.28 5.75 -9.15
C PHE A 348 6.29 6.54 -8.34
N ASN A 349 5.46 5.84 -7.57
CA ASN A 349 4.40 6.50 -6.82
C ASN A 349 4.74 6.64 -5.35
N ALA A 350 4.33 7.72 -4.68
CA ALA A 350 4.52 7.81 -3.21
C ALA A 350 3.40 8.66 -2.67
N LEU A 351 3.15 8.59 -1.37
CA LEU A 351 2.08 9.37 -0.73
C LEU A 351 2.77 10.45 0.14
N THR A 352 2.00 11.37 0.71
CA THR A 352 2.56 12.46 1.46
C THR A 352 2.78 12.04 2.92
N LEU A 353 2.68 10.74 3.18
CA LEU A 353 2.85 10.19 4.56
C LEU A 353 4.37 10.06 4.82
N HIS A 354 4.71 9.48 5.98
CA HIS A 354 6.10 9.32 6.45
C HIS A 354 6.74 10.73 6.49
N ASP A 355 8.02 10.83 6.14
CA ASP A 355 8.62 12.17 5.97
C ASP A 355 8.63 12.56 4.50
N ASN A 356 7.71 11.98 3.70
CA ASN A 356 7.74 12.17 2.25
C ASN A 356 7.67 13.63 1.71
N PRO A 357 6.98 14.56 2.41
CA PRO A 357 6.97 15.97 1.97
C PRO A 357 8.35 16.57 1.86
N LEU A 358 9.33 15.97 2.56
CA LEU A 358 10.72 16.49 2.53
C LEU A 358 11.42 16.41 1.19
N PHE A 359 10.99 15.46 0.38
CA PHE A 359 11.61 15.19 -0.89
C PHE A 359 10.71 15.18 -2.11
N LEU A 360 9.37 15.06 -2.00
CA LEU A 360 8.56 14.77 -3.20
C LEU A 360 8.75 15.80 -4.32
N GLU A 361 8.53 17.05 -4.01
CA GLU A 361 8.57 18.16 -5.02
C GLU A 361 10.00 18.32 -5.54
N GLN A 362 10.99 18.22 -4.65
CA GLN A 362 12.40 18.36 -5.04
C GLN A 362 12.88 17.25 -6.01
N LEU A 363 12.32 16.02 -5.94
CA LEU A 363 12.74 14.86 -6.79
C LEU A 363 11.84 14.76 -8.03
N LYS A 364 11.02 15.80 -8.19
CA LYS A 364 10.18 15.97 -9.38
C LYS A 364 9.01 14.97 -9.44
N PHE A 365 8.42 14.64 -8.29
CA PHE A 365 7.14 13.91 -8.21
C PHE A 365 6.09 14.98 -8.53
N GLY A 366 5.16 14.64 -9.39
CA GLY A 366 4.03 15.50 -9.71
C GLY A 366 2.82 15.17 -8.81
N ALA A 367 2.01 16.18 -8.49
CA ALA A 367 0.80 15.92 -7.68
C ALA A 367 -0.23 15.13 -8.42
N GLY A 368 -0.78 14.09 -7.79
CA GLY A 368 -1.80 13.29 -8.44
C GLY A 368 -3.18 13.74 -8.10
N ASP A 369 -4.15 13.31 -8.89
CA ASP A 369 -5.56 13.48 -8.55
C ASP A 369 -6.00 12.59 -7.38
N GLY A 370 -5.38 11.43 -7.24
CA GLY A 370 -5.83 10.45 -6.24
C GLY A 370 -5.44 10.87 -4.80
N GLN A 371 -6.25 10.44 -3.84
CA GLN A 371 -5.98 10.65 -2.45
C GLN A 371 -6.15 9.32 -1.76
N LEU A 372 -5.48 9.09 -0.63
CA LEU A 372 -5.68 7.84 0.13
C LEU A 372 -6.15 8.27 1.52
N HIS A 373 -7.36 7.83 1.86
CA HIS A 373 -8.01 8.15 3.13
C HIS A 373 -7.81 6.94 4.07
N PHE A 374 -7.45 7.20 5.33
CA PHE A 374 -7.18 6.18 6.33
C PHE A 374 -8.29 6.18 7.38
N TYR A 375 -8.69 4.99 7.78
CA TYR A 375 -9.83 4.84 8.62
C TYR A 375 -9.56 3.80 9.68
N LEU A 376 -10.15 3.99 10.86
CA LEU A 376 -10.13 2.96 11.89
C LEU A 376 -11.54 2.49 12.20
N TYR A 377 -11.72 1.18 12.39
CA TYR A 377 -13.01 0.67 12.82
C TYR A 377 -12.98 0.39 14.29
N ASN A 378 -13.96 0.95 15.02
CA ASN A 378 -14.16 0.67 16.49
C ASN A 378 -13.02 1.23 17.32
N TYR A 379 -12.45 2.35 16.89
CA TYR A 379 -11.45 3.02 17.65
C TYR A 379 -11.57 4.51 17.29
N ARG A 380 -11.63 5.32 18.32
CA ARG A 380 -11.70 6.79 18.18
C ARG A 380 -10.31 7.36 18.53
N THR A 381 -9.79 8.26 17.70
CA THR A 381 -8.61 9.04 18.06
C THR A 381 -8.70 10.38 17.30
N ALA A 382 -8.00 11.43 17.78
CA ALA A 382 -8.02 12.75 17.13
C ALA A 382 -7.46 12.59 15.72
N PRO A 383 -7.98 13.35 14.72
CA PRO A 383 -7.36 13.32 13.39
C PRO A 383 -5.83 13.36 13.42
N VAL A 384 -5.21 12.66 12.50
CA VAL A 384 -3.77 12.65 12.43
C VAL A 384 -3.27 13.38 11.16
N PRO A 385 -2.19 14.20 11.24
CA PRO A 385 -1.79 14.90 10.01
C PRO A 385 -1.28 13.97 8.92
N GLY A 386 -1.62 14.31 7.69
CA GLY A 386 -1.37 13.43 6.56
C GLY A 386 -0.28 13.91 5.59
N GLY A 387 0.52 14.89 6.01
CA GLY A 387 1.58 15.46 5.17
C GLY A 387 1.16 16.54 4.16
N VAL A 388 -0.10 16.98 4.23
CA VAL A 388 -0.61 18.06 3.34
C VAL A 388 -1.33 19.15 4.16
N ASN A 389 -1.34 20.36 3.61
CA ASN A 389 -2.08 21.47 4.19
C ASN A 389 -3.49 21.55 3.65
N GLU A 390 -4.14 22.69 3.92
CA GLU A 390 -5.55 22.94 3.48
C GLU A 390 -5.72 22.98 1.97
N LYS A 391 -4.64 23.24 1.24
CA LYS A 391 -4.69 23.22 -0.24
C LYS A 391 -4.35 21.84 -0.83
N ASN A 392 -4.06 20.87 0.06
CA ASN A 392 -3.69 19.52 -0.35
C ASN A 392 -2.33 19.51 -1.02
N LEU A 393 -1.44 20.39 -0.57
CA LEU A 393 -0.08 20.43 -1.06
C LEU A 393 0.78 19.97 0.10
N PRO A 394 1.96 19.42 -0.21
CA PRO A 394 2.88 18.88 0.80
C PRO A 394 3.28 19.91 1.85
N ASP A 395 3.44 19.51 3.10
CA ASP A 395 3.63 20.45 4.22
C ASP A 395 4.46 19.83 5.29
N GLU A 396 5.68 20.35 5.43
CA GLU A 396 6.63 19.79 6.37
C GLU A 396 6.22 19.95 7.80
N LYS A 397 5.19 20.75 8.07
CA LYS A 397 4.69 20.90 9.48
C LYS A 397 3.46 20.04 9.78
N ARG A 398 3.07 19.24 8.78
CA ARG A 398 1.93 18.32 8.90
C ARG A 398 2.37 16.86 8.66
N MET A 399 3.64 16.57 8.98
CA MET A 399 4.16 15.19 9.02
C MET A 399 4.03 14.62 10.45
N GLY A 400 4.80 13.57 10.76
CA GLY A 400 4.75 12.93 12.08
C GLY A 400 3.40 12.22 12.40
N GLY A 401 2.55 12.11 11.38
CA GLY A 401 1.17 11.58 11.50
C GLY A 401 1.04 10.13 11.06
N VAL A 402 1.19 9.90 9.77
CA VAL A 402 0.85 8.63 9.17
C VAL A 402 2.12 7.88 8.89
N GLY A 403 2.28 6.72 9.53
CA GLY A 403 3.49 5.90 9.40
C GLY A 403 3.11 4.47 9.11
N ILE A 404 1.99 4.31 8.41
CA ILE A 404 1.59 3.01 7.89
C ILE A 404 1.22 3.13 6.44
N VAL A 405 1.63 2.11 5.67
CA VAL A 405 1.38 2.03 4.25
C VAL A 405 0.59 0.75 4.03
N MET A 406 -0.48 0.85 3.25
CA MET A 406 -1.31 -0.33 2.90
C MET A 406 -1.28 -0.54 1.37
N LEU A 407 -1.54 -1.76 0.91
CA LEU A 407 -1.18 -2.16 -0.45
C LEU A 407 -2.29 -2.06 -1.45
#